data_8Q1D
#
_entry.id   8Q1D
#
_cell.length_a   31.888
_cell.length_b   71.382
_cell.length_c   83.909
_cell.angle_alpha   90.000
_cell.angle_beta   90.000
_cell.angle_gamma   90.000
#
_symmetry.space_group_name_H-M   'P 21 21 21'
#
loop_
_entity.id
_entity.type
_entity.pdbx_description
1 polymer Beta-phosphoglucomutase
2 non-polymer 1,6-di-O-phosphono-beta-D-fructofuranose
3 non-polymer 'MAGNESIUM ION'
4 non-polymer 1,2-ETHANEDIOL
5 water water
#
_entity_poly.entity_id   1
_entity_poly.type   'polypeptide(L)'
_entity_poly.pdbx_seq_one_letter_code
;MFKAVLFDLNGVITDTAEYHFRAWKALAEEIGINGVDRQFNEQLKGVSREDSLQKILDLADKKVSAEEFKELAKRKNDNY
VKMIQDVSPADVYPGILQLLKDLRSNKIKIALASASKNGPFLLERMNLTGYFDAIADPAEVAASKPAPDIFIAAAHAVGV
APSESIGLEDSQAGIQAIKDSGALPIGVGRPEDLGDDIVIVPDTSHYTLEFLKEVWLQKQK
;
_entity_poly.pdbx_strand_id   A
#
loop_
_chem_comp.id
_chem_comp.type
_chem_comp.name
_chem_comp.formula
EDO non-polymer 1,2-ETHANEDIOL 'C2 H6 O2'
FBP D-saccharide, beta linking 1,6-di-O-phosphono-beta-D-fructofuranose 'C6 H14 O12 P2'
MG non-polymer 'MAGNESIUM ION' 'Mg 2'
#
# COMPACT_ATOMS: atom_id res chain seq x y z
N MET A 1 -17.99 17.92 1.37
CA MET A 1 -16.73 17.43 1.98
C MET A 1 -16.49 15.98 1.55
N PHE A 2 -15.24 15.53 1.55
CA PHE A 2 -15.06 14.11 1.36
C PHE A 2 -15.62 13.37 2.57
N LYS A 3 -15.99 12.11 2.32
CA LYS A 3 -16.57 11.25 3.35
C LYS A 3 -15.61 10.17 3.86
N ALA A 4 -14.56 9.83 3.08
CA ALA A 4 -13.59 8.81 3.48
C ALA A 4 -12.18 9.17 3.01
N VAL A 5 -11.17 8.59 3.68
CA VAL A 5 -9.82 8.54 3.16
C VAL A 5 -9.41 7.08 3.08
N LEU A 6 -8.88 6.72 1.91
CA LEU A 6 -8.48 5.37 1.60
C LEU A 6 -6.97 5.34 1.62
N PHE A 7 -6.40 4.59 2.57
CA PHE A 7 -4.96 4.63 2.82
C PHE A 7 -4.23 3.42 2.24
N ASP A 8 -3.17 3.71 1.50
CA ASP A 8 -2.17 2.69 1.24
C ASP A 8 -1.46 2.39 2.56
N LEU A 9 -0.85 1.19 2.69
CA LEU A 9 -0.10 0.92 3.91
C LEU A 9 1.38 1.25 3.72
N ASN A 10 2.05 0.48 2.85
CA ASN A 10 3.48 0.58 2.72
C ASN A 10 3.84 1.80 1.88
N GLY A 11 4.38 2.83 2.51
CA GLY A 11 4.70 4.06 1.81
C GLY A 11 3.90 5.23 2.36
N VAL A 12 2.85 4.92 3.13
CA VAL A 12 1.99 5.95 3.67
C VAL A 12 1.87 5.83 5.16
N ILE A 13 1.29 4.73 5.69
CA ILE A 13 1.17 4.56 7.14
C ILE A 13 2.52 4.19 7.78
N THR A 14 3.28 3.32 7.11
CA THR A 14 4.61 2.91 7.54
C THR A 14 5.32 2.52 6.27
N ASP A 15 6.44 1.85 6.40
CA ASP A 15 6.97 1.23 5.18
C ASP A 15 7.84 0.04 5.60
N THR A 16 7.48 -1.14 5.08
CA THR A 16 8.18 -2.38 5.36
C THR A 16 8.89 -2.92 4.12
N ALA A 17 9.08 -2.06 3.13
CA ALA A 17 9.73 -2.39 1.87
C ALA A 17 11.10 -3.05 2.09
N GLU A 18 11.81 -2.62 3.13
CA GLU A 18 13.11 -3.19 3.48
C GLU A 18 12.98 -4.69 3.82
N TYR A 19 11.96 -5.04 4.60
CA TYR A 19 11.72 -6.43 4.98
C TYR A 19 11.24 -7.26 3.81
N HIS A 20 10.35 -6.70 2.96
CA HIS A 20 9.96 -7.38 1.74
C HIS A 20 11.21 -7.67 0.92
N PHE A 21 12.05 -6.65 0.75
CA PHE A 21 13.28 -6.79 -0.05
C PHE A 21 14.19 -7.88 0.51
N ARG A 22 14.45 -7.82 1.83
CA ARG A 22 15.34 -8.81 2.41
C ARG A 22 14.80 -10.24 2.30
N ALA A 23 13.47 -10.43 2.49
CA ALA A 23 12.86 -11.74 2.32
C ALA A 23 12.96 -12.21 0.85
N TRP A 24 12.77 -11.32 -0.12
CA TRP A 24 12.90 -11.72 -1.51
C TRP A 24 14.34 -12.11 -1.82
N LYS A 25 15.32 -11.30 -1.39
CA LYS A 25 16.72 -11.59 -1.67
C LYS A 25 17.11 -12.94 -1.08
N ALA A 26 16.68 -13.19 0.16
CA ALA A 26 16.96 -14.45 0.84
C ALA A 26 16.39 -15.64 0.06
N LEU A 27 15.16 -15.51 -0.46
CA LEU A 27 14.55 -16.55 -1.28
C LEU A 27 15.35 -16.76 -2.56
N ALA A 28 15.65 -15.69 -3.29
CA ALA A 28 16.48 -15.81 -4.49
C ALA A 28 17.81 -16.52 -4.19
N GLU A 29 18.44 -16.13 -3.10
CA GLU A 29 19.73 -16.73 -2.77
C GLU A 29 19.57 -18.23 -2.48
N GLU A 30 18.46 -18.63 -1.84
CA GLU A 30 18.19 -20.02 -1.48
C GLU A 30 17.99 -20.86 -2.73
N ILE A 31 17.45 -20.24 -3.77
CA ILE A 31 17.22 -21.04 -4.94
C ILE A 31 18.29 -20.79 -5.99
N GLY A 32 19.31 -20.00 -5.68
CA GLY A 32 20.45 -19.92 -6.57
C GLY A 32 20.29 -18.94 -7.73
N ILE A 33 19.57 -17.85 -7.46
CA ILE A 33 19.36 -16.81 -8.44
C ILE A 33 20.13 -15.54 -8.03
N ASN A 34 20.91 -15.10 -9.00
CA ASN A 34 21.71 -13.88 -8.92
C ASN A 34 20.88 -12.67 -9.39
N GLY A 35 21.04 -11.55 -8.68
CA GLY A 35 20.66 -10.27 -9.23
C GLY A 35 19.48 -9.60 -8.52
N VAL A 36 19.00 -10.22 -7.43
CA VAL A 36 17.95 -9.59 -6.64
C VAL A 36 18.63 -8.63 -5.66
N ASP A 37 18.94 -7.44 -6.19
CA ASP A 37 19.57 -6.35 -5.45
C ASP A 37 18.57 -5.20 -5.32
N ARG A 38 19.02 -4.08 -4.74
CA ARG A 38 18.15 -3.01 -4.31
C ARG A 38 17.61 -2.30 -5.55
N GLN A 39 18.40 -2.28 -6.62
CA GLN A 39 17.98 -1.67 -7.86
C GLN A 39 16.91 -2.54 -8.52
N PHE A 40 17.13 -3.85 -8.52
CA PHE A 40 16.15 -4.76 -9.09
C PHE A 40 14.83 -4.65 -8.31
N ASN A 41 14.91 -4.52 -6.99
CA ASN A 41 13.74 -4.51 -6.15
C ASN A 41 12.80 -3.33 -6.45
N GLU A 42 13.25 -2.31 -7.20
CA GLU A 42 12.36 -1.27 -7.71
C GLU A 42 11.33 -1.84 -8.69
N GLN A 43 11.65 -2.93 -9.38
CA GLN A 43 10.67 -3.62 -10.20
C GLN A 43 9.65 -4.40 -9.36
N LEU A 44 9.91 -4.59 -8.04
CA LEU A 44 9.16 -5.54 -7.22
C LEU A 44 8.10 -4.87 -6.34
N LYS A 45 8.31 -3.61 -5.98
CA LYS A 45 7.68 -3.01 -4.81
C LYS A 45 6.16 -2.94 -4.95
N GLY A 46 5.68 -2.28 -6.02
CA GLY A 46 4.26 -2.05 -6.23
C GLY A 46 3.62 -3.19 -7.02
N VAL A 47 4.29 -4.34 -6.99
CA VAL A 47 3.86 -5.56 -7.63
C VAL A 47 3.45 -6.58 -6.56
N SER A 48 2.51 -7.47 -6.91
CA SER A 48 1.94 -8.45 -6.01
C SER A 48 2.99 -9.51 -5.59
N ARG A 49 2.61 -10.31 -4.60
CA ARG A 49 3.47 -11.37 -4.10
C ARG A 49 3.79 -12.33 -5.25
N GLU A 50 2.75 -12.73 -6.00
CA GLU A 50 2.90 -13.73 -7.05
C GLU A 50 3.67 -13.11 -8.20
N ASP A 51 3.35 -11.88 -8.57
CA ASP A 51 4.04 -11.23 -9.68
C ASP A 51 5.50 -10.97 -9.31
N SER A 52 5.78 -10.71 -8.02
CA SER A 52 7.16 -10.49 -7.56
C SER A 52 8.01 -11.75 -7.76
N LEU A 53 7.50 -12.89 -7.29
CA LEU A 53 8.19 -14.15 -7.48
C LEU A 53 8.45 -14.42 -8.96
N GLN A 54 7.42 -14.18 -9.77
CA GLN A 54 7.51 -14.47 -11.19
C GLN A 54 8.67 -13.69 -11.83
N LYS A 55 8.83 -12.40 -11.44
CA LYS A 55 9.88 -11.57 -11.99
C LYS A 55 11.26 -12.10 -11.60
N ILE A 56 11.36 -12.59 -10.37
CA ILE A 56 12.62 -13.15 -9.91
C ILE A 56 12.95 -14.42 -10.70
N LEU A 57 11.97 -15.31 -10.90
CA LEU A 57 12.16 -16.50 -11.70
C LEU A 57 12.57 -16.14 -13.13
N ASP A 58 11.90 -15.13 -13.70
CA ASP A 58 12.10 -14.75 -15.10
C ASP A 58 13.50 -14.23 -15.28
N LEU A 59 14.07 -13.68 -14.21
CA LEU A 59 15.37 -13.06 -14.27
C LEU A 59 16.39 -14.14 -14.54
N ALA A 60 16.13 -15.36 -14.03
CA ALA A 60 17.01 -16.50 -14.20
C ALA A 60 16.57 -17.40 -15.35
N ASP A 61 15.43 -17.10 -16.00
CA ASP A 61 14.84 -17.99 -16.98
C ASP A 61 14.53 -19.33 -16.32
N LYS A 62 14.07 -19.27 -15.07
CA LYS A 62 13.82 -20.48 -14.29
C LYS A 62 12.33 -20.85 -14.33
N LYS A 63 12.04 -22.11 -14.68
CA LYS A 63 10.68 -22.59 -14.71
C LYS A 63 10.44 -23.49 -13.51
N VAL A 64 9.26 -23.40 -12.90
CA VAL A 64 8.93 -24.24 -11.77
C VAL A 64 7.52 -24.78 -11.95
N SER A 65 7.24 -25.88 -11.25
CA SER A 65 5.90 -26.40 -11.15
C SER A 65 5.04 -25.39 -10.40
N ALA A 66 3.74 -25.52 -10.65
CA ALA A 66 2.73 -24.71 -10.02
C ALA A 66 2.76 -24.92 -8.51
N GLU A 67 3.00 -26.18 -8.08
CA GLU A 67 3.18 -26.48 -6.66
C GLU A 67 4.46 -25.83 -6.09
N GLU A 68 5.57 -25.93 -6.81
CA GLU A 68 6.82 -25.32 -6.38
C GLU A 68 6.61 -23.82 -6.13
N PHE A 69 5.88 -23.17 -7.05
CA PHE A 69 5.72 -21.72 -7.08
C PHE A 69 5.01 -21.28 -5.81
N LYS A 70 3.94 -22.01 -5.46
CA LYS A 70 3.19 -21.70 -4.24
C LYS A 70 4.10 -21.86 -3.02
N GLU A 71 4.96 -22.89 -3.01
CA GLU A 71 5.84 -23.17 -1.88
C GLU A 71 6.86 -22.04 -1.69
N LEU A 72 7.41 -21.52 -2.80
CA LEU A 72 8.43 -20.49 -2.75
C LEU A 72 7.80 -19.21 -2.19
N ALA A 73 6.57 -18.89 -2.63
CA ALA A 73 5.89 -17.67 -2.18
C ALA A 73 5.63 -17.77 -0.70
N LYS A 74 5.22 -18.97 -0.24
CA LYS A 74 4.95 -19.18 1.16
C LYS A 74 6.22 -19.01 2.01
N ARG A 75 7.30 -19.63 1.56
CA ARG A 75 8.60 -19.48 2.22
C ARG A 75 8.98 -18.01 2.37
N LYS A 76 8.91 -17.21 1.30
CA LYS A 76 9.23 -15.80 1.40
C LYS A 76 8.31 -15.13 2.43
N ASN A 77 7.00 -15.42 2.36
CA ASN A 77 6.06 -14.78 3.27
C ASN A 77 6.33 -15.16 4.74
N ASP A 78 6.67 -16.41 5.01
CA ASP A 78 6.91 -16.89 6.37
C ASP A 78 8.10 -16.13 6.99
N ASN A 79 9.11 -15.86 6.16
CA ASN A 79 10.31 -15.15 6.52
C ASN A 79 9.96 -13.68 6.77
N TYR A 80 9.22 -13.05 5.85
CA TYR A 80 8.77 -11.67 5.99
C TYR A 80 7.98 -11.49 7.30
N VAL A 81 7.07 -12.40 7.61
CA VAL A 81 6.28 -12.32 8.83
C VAL A 81 7.16 -12.33 10.08
N LYS A 82 8.22 -13.12 10.07
CA LYS A 82 9.14 -13.11 11.20
C LYS A 82 9.78 -11.75 11.40
N MET A 83 10.18 -11.13 10.28
CA MET A 83 10.84 -9.83 10.30
C MET A 83 9.94 -8.71 10.83
N ILE A 84 8.61 -8.85 10.75
CA ILE A 84 7.76 -7.71 11.08
C ILE A 84 7.22 -7.89 12.48
N GLN A 85 7.70 -8.92 13.20
CA GLN A 85 7.16 -9.15 14.55
C GLN A 85 7.45 -7.99 15.49
N ASP A 86 8.54 -7.27 15.24
CA ASP A 86 9.00 -6.20 16.11
C ASP A 86 8.49 -4.83 15.65
N VAL A 87 7.57 -4.78 14.65
CA VAL A 87 7.02 -3.51 14.22
C VAL A 87 6.29 -2.96 15.44
N SER A 88 6.36 -1.64 15.67
CA SER A 88 5.72 -1.06 16.84
C SER A 88 5.04 0.25 16.45
N PRO A 89 4.32 0.90 17.38
CA PRO A 89 3.82 2.25 17.15
C PRO A 89 4.87 3.27 16.71
N ALA A 90 6.14 3.10 17.08
CA ALA A 90 7.17 4.03 16.65
C ALA A 90 7.43 3.90 15.14
N ASP A 91 6.85 2.91 14.47
CA ASP A 91 7.07 2.82 13.03
C ASP A 91 5.95 3.53 12.25
N VAL A 92 4.99 4.13 12.94
CA VAL A 92 4.02 4.93 12.20
C VAL A 92 4.72 6.16 11.61
N TYR A 93 4.40 6.47 10.34
CA TYR A 93 5.02 7.55 9.59
C TYR A 93 4.64 8.90 10.18
N PRO A 94 5.53 9.90 10.00
CA PRO A 94 5.28 11.22 10.57
C PRO A 94 3.93 11.81 10.13
N GLY A 95 3.21 12.39 11.11
CA GLY A 95 1.93 13.04 10.89
C GLY A 95 0.72 12.09 10.81
N ILE A 96 0.95 10.79 10.57
CA ILE A 96 -0.15 9.88 10.26
C ILE A 96 -1.10 9.72 11.44
N LEU A 97 -0.54 9.45 12.63
CA LEU A 97 -1.38 9.21 13.79
C LEU A 97 -2.26 10.43 14.04
N GLN A 98 -1.71 11.65 13.90
CA GLN A 98 -2.52 12.83 14.18
C GLN A 98 -3.59 12.96 13.09
N LEU A 99 -3.27 12.58 11.84
CA LEU A 99 -4.26 12.67 10.78
C LEU A 99 -5.42 11.71 11.06
N LEU A 100 -5.10 10.50 11.51
CA LEU A 100 -6.13 9.51 11.75
C LEU A 100 -7.03 10.00 12.89
N LYS A 101 -6.41 10.64 13.90
CA LYS A 101 -7.17 11.20 15.00
C LYS A 101 -8.10 12.29 14.50
N ASP A 102 -7.63 13.19 13.63
CA ASP A 102 -8.43 14.32 13.13
C ASP A 102 -9.57 13.87 12.21
N LEU A 103 -9.31 12.88 11.35
CA LEU A 103 -10.33 12.32 10.48
C LEU A 103 -11.44 11.71 11.34
N ARG A 104 -11.06 10.87 12.31
CA ARG A 104 -12.06 10.20 13.14
C ARG A 104 -12.85 11.26 13.90
N SER A 105 -12.15 12.31 14.35
CA SER A 105 -12.81 13.35 15.12
C SER A 105 -13.86 14.09 14.28
N ASN A 106 -13.67 14.11 12.95
CA ASN A 106 -14.55 14.78 12.00
C ASN A 106 -15.51 13.82 11.31
N LYS A 107 -15.59 12.60 11.83
CA LYS A 107 -16.40 11.52 11.33
C LYS A 107 -16.15 11.27 9.84
N ILE A 108 -14.92 11.43 9.40
CA ILE A 108 -14.51 10.91 8.09
C ILE A 108 -14.07 9.46 8.24
N LYS A 109 -14.63 8.60 7.39
CA LYS A 109 -14.27 7.19 7.36
C LYS A 109 -12.81 7.02 7.01
N ILE A 110 -12.24 5.96 7.62
CA ILE A 110 -10.87 5.54 7.39
C ILE A 110 -10.87 4.07 6.96
N ALA A 111 -10.25 3.81 5.81
CA ALA A 111 -10.17 2.46 5.25
C ALA A 111 -8.76 2.16 4.76
N LEU A 112 -8.31 0.90 4.91
CA LEU A 112 -7.03 0.49 4.33
C LEU A 112 -7.22 -0.13 2.95
N ALA A 113 -6.39 0.33 2.01
CA ALA A 113 -6.41 -0.11 0.64
C ALA A 113 -5.03 -0.63 0.23
N SER A 114 -4.52 -1.54 1.08
CA SER A 114 -3.25 -2.20 0.86
C SER A 114 -3.40 -3.44 -0.02
N ALA A 115 -2.36 -3.68 -0.83
CA ALA A 115 -2.20 -4.91 -1.57
C ALA A 115 -1.64 -6.03 -0.69
N SER A 116 -1.29 -5.76 0.59
CA SER A 116 -0.58 -6.74 1.42
C SER A 116 -1.57 -7.49 2.30
N LYS A 117 -1.46 -8.80 2.28
CA LYS A 117 -2.28 -9.61 3.18
C LYS A 117 -1.82 -9.50 4.63
N ASN A 118 -0.65 -8.90 4.86
CA ASN A 118 -0.16 -8.69 6.23
C ASN A 118 -0.61 -7.35 6.79
N GLY A 119 -1.47 -6.64 6.04
CA GLY A 119 -1.99 -5.34 6.44
C GLY A 119 -2.60 -5.38 7.83
N PRO A 120 -3.57 -6.26 8.11
CA PRO A 120 -4.21 -6.24 9.43
C PRO A 120 -3.23 -6.44 10.61
N PHE A 121 -2.28 -7.33 10.44
CA PHE A 121 -1.30 -7.62 11.47
C PHE A 121 -0.43 -6.40 11.73
N LEU A 122 -0.01 -5.72 10.66
CA LEU A 122 0.76 -4.51 10.83
C LEU A 122 -0.02 -3.42 11.55
N LEU A 123 -1.29 -3.20 11.26
CA LEU A 123 -2.08 -2.20 11.99
C LEU A 123 -2.12 -2.54 13.48
N GLU A 124 -2.20 -3.84 13.82
CA GLU A 124 -2.25 -4.28 15.21
CA GLU A 124 -2.29 -4.20 15.24
C GLU A 124 -0.93 -3.94 15.88
N ARG A 125 0.17 -4.24 15.18
CA ARG A 125 1.50 -4.01 15.75
C ARG A 125 1.71 -2.50 15.98
N MET A 126 1.12 -1.63 15.14
CA MET A 126 1.33 -0.18 15.29
C MET A 126 0.26 0.43 16.19
N ASN A 127 -0.65 -0.40 16.70
CA ASN A 127 -1.74 0.04 17.58
C ASN A 127 -2.74 0.99 16.87
N LEU A 128 -2.99 0.75 15.58
CA LEU A 128 -3.87 1.57 14.77
C LEU A 128 -5.22 0.92 14.43
N THR A 129 -5.46 -0.34 14.84
CA THR A 129 -6.65 -1.10 14.46
C THR A 129 -7.92 -0.28 14.70
N GLY A 130 -7.98 0.36 15.87
CA GLY A 130 -9.16 1.04 16.35
C GLY A 130 -9.58 2.18 15.43
N TYR A 131 -8.65 2.76 14.66
CA TYR A 131 -8.94 3.93 13.83
C TYR A 131 -9.56 3.54 12.49
N PHE A 132 -9.39 2.27 12.08
CA PHE A 132 -9.79 1.81 10.77
C PHE A 132 -11.23 1.32 10.79
N ASP A 133 -12.06 1.99 9.97
CA ASP A 133 -13.44 1.60 9.81
C ASP A 133 -13.52 0.29 9.04
N ALA A 134 -12.56 0.02 8.16
CA ALA A 134 -12.54 -1.20 7.41
C ALA A 134 -11.17 -1.40 6.80
N ILE A 135 -10.90 -2.63 6.37
CA ILE A 135 -9.69 -3.03 5.71
C ILE A 135 -10.08 -3.79 4.45
N ALA A 136 -9.79 -3.27 3.25
CA ALA A 136 -10.10 -4.03 2.05
C ALA A 136 -9.24 -5.28 2.01
N ASP A 137 -9.83 -6.42 1.65
CA ASP A 137 -9.12 -7.68 1.66
C ASP A 137 -8.54 -7.95 0.27
N PRO A 138 -7.21 -7.87 0.08
CA PRO A 138 -6.62 -8.05 -1.23
C PRO A 138 -6.75 -9.49 -1.74
N ALA A 139 -7.12 -10.44 -0.87
CA ALA A 139 -7.38 -11.79 -1.33
C ALA A 139 -8.78 -11.92 -1.93
N GLU A 140 -9.68 -10.96 -1.69
CA GLU A 140 -11.02 -11.06 -2.25
C GLU A 140 -11.24 -10.05 -3.38
N VAL A 141 -10.15 -9.58 -4.02
CA VAL A 141 -10.26 -8.71 -5.20
C VAL A 141 -9.59 -9.40 -6.38
N ALA A 142 -10.08 -9.11 -7.60
CA ALA A 142 -9.77 -9.88 -8.81
C ALA A 142 -8.44 -9.48 -9.42
N ALA A 143 -7.78 -8.45 -8.85
CA ALA A 143 -6.55 -7.94 -9.43
C ALA A 143 -5.92 -6.87 -8.53
N SER A 144 -4.60 -6.86 -8.54
CA SER A 144 -3.85 -5.90 -7.74
C SER A 144 -3.73 -4.57 -8.48
N LYS A 145 -3.31 -3.55 -7.71
CA LYS A 145 -3.03 -2.24 -8.30
C LYS A 145 -2.11 -2.47 -9.48
N PRO A 146 -2.19 -1.75 -10.62
CA PRO A 146 -3.03 -0.55 -10.78
C PRO A 146 -4.54 -0.69 -11.04
N ALA A 147 -5.07 -1.91 -11.02
CA ALA A 147 -6.51 -2.08 -11.05
C ALA A 147 -7.09 -1.30 -9.87
N PRO A 148 -8.25 -0.63 -10.07
CA PRO A 148 -8.90 0.12 -9.00
C PRO A 148 -9.61 -0.67 -7.92
N ASP A 149 -9.67 -1.98 -8.11
CA ASP A 149 -10.52 -2.86 -7.32
C ASP A 149 -10.33 -2.67 -5.83
N ILE A 150 -9.05 -2.58 -5.39
CA ILE A 150 -8.83 -2.52 -3.96
C ILE A 150 -9.35 -1.19 -3.38
N PHE A 151 -9.30 -0.09 -4.16
CA PHE A 151 -9.77 1.22 -3.69
C PHE A 151 -11.30 1.25 -3.71
N ILE A 152 -11.88 0.66 -4.75
CA ILE A 152 -13.33 0.50 -4.82
C ILE A 152 -13.85 -0.28 -3.62
N ALA A 153 -13.21 -1.41 -3.31
CA ALA A 153 -13.60 -2.24 -2.17
C ALA A 153 -13.44 -1.48 -0.85
N ALA A 154 -12.33 -0.72 -0.73
CA ALA A 154 -12.05 0.02 0.47
C ALA A 154 -13.16 1.04 0.71
N ALA A 155 -13.51 1.78 -0.34
CA ALA A 155 -14.61 2.75 -0.25
C ALA A 155 -15.92 2.08 0.16
N HIS A 156 -16.29 1.02 -0.57
CA HIS A 156 -17.55 0.35 -0.29
C HIS A 156 -17.57 -0.21 1.14
N ALA A 157 -16.40 -0.62 1.68
CA ALA A 157 -16.40 -1.28 2.98
C ALA A 157 -16.76 -0.29 4.05
N VAL A 158 -16.70 0.99 3.72
CA VAL A 158 -17.08 2.00 4.71
C VAL A 158 -18.31 2.78 4.20
N GLY A 159 -19.01 2.25 3.20
CA GLY A 159 -20.29 2.80 2.81
C GLY A 159 -20.23 4.04 1.93
N VAL A 160 -19.12 4.29 1.22
CA VAL A 160 -19.02 5.49 0.37
C VAL A 160 -18.60 5.08 -1.04
N ALA A 161 -18.87 5.94 -2.02
CA ALA A 161 -18.33 5.77 -3.34
C ALA A 161 -16.93 6.35 -3.34
N PRO A 162 -16.04 5.84 -4.20
CA PRO A 162 -14.74 6.47 -4.42
C PRO A 162 -14.83 7.96 -4.72
N SER A 163 -15.86 8.39 -5.46
CA SER A 163 -16.02 9.78 -5.82
C SER A 163 -16.07 10.67 -4.60
N GLU A 164 -16.48 10.10 -3.45
CA GLU A 164 -16.62 10.82 -2.20
C GLU A 164 -15.36 10.66 -1.35
N SER A 165 -14.28 10.11 -1.94
CA SER A 165 -13.10 9.67 -1.21
C SER A 165 -11.82 10.36 -1.67
N ILE A 166 -10.88 10.49 -0.74
CA ILE A 166 -9.48 10.78 -1.08
C ILE A 166 -8.68 9.50 -0.94
N GLY A 167 -7.85 9.19 -1.96
CA GLY A 167 -6.82 8.14 -1.83
C GLY A 167 -5.40 8.68 -1.56
N LEU A 168 -4.68 8.04 -0.64
CA LEU A 168 -3.30 8.40 -0.31
C LEU A 168 -2.35 7.30 -0.72
N GLU A 169 -1.46 7.58 -1.68
CA GLU A 169 -0.57 6.56 -2.25
C GLU A 169 0.85 7.10 -2.47
N ASP A 170 1.78 6.15 -2.74
CA ASP A 170 3.21 6.39 -2.76
C ASP A 170 3.85 5.77 -3.99
N SER A 171 3.05 5.14 -4.86
CA SER A 171 3.56 4.45 -6.05
C SER A 171 2.69 4.80 -7.25
N GLN A 172 3.29 4.59 -8.42
CA GLN A 172 2.60 4.73 -9.71
C GLN A 172 1.36 3.84 -9.85
N ALA A 173 1.49 2.55 -9.53
CA ALA A 173 0.37 1.63 -9.60
C ALA A 173 -0.72 2.05 -8.61
N GLY A 174 -0.32 2.54 -7.43
CA GLY A 174 -1.28 3.00 -6.44
C GLY A 174 -2.06 4.23 -6.93
N ILE A 175 -1.34 5.24 -7.44
CA ILE A 175 -1.96 6.45 -7.92
C ILE A 175 -2.95 6.16 -9.06
N GLN A 176 -2.58 5.25 -9.96
CA GLN A 176 -3.43 4.91 -11.08
C GLN A 176 -4.69 4.19 -10.61
N ALA A 177 -4.55 3.26 -9.65
CA ALA A 177 -5.68 2.59 -9.06
C ALA A 177 -6.68 3.59 -8.49
N ILE A 178 -6.18 4.61 -7.77
CA ILE A 178 -7.06 5.62 -7.18
C ILE A 178 -7.77 6.34 -8.31
N LYS A 179 -7.02 6.79 -9.32
CA LYS A 179 -7.61 7.54 -10.43
C LYS A 179 -8.76 6.76 -11.07
N ASP A 180 -8.49 5.48 -11.35
CA ASP A 180 -9.43 4.66 -12.08
C ASP A 180 -10.58 4.26 -11.17
N SER A 181 -10.45 4.37 -9.84
CA SER A 181 -11.57 4.12 -8.95
C SER A 181 -12.58 5.28 -9.01
N GLY A 182 -12.07 6.48 -9.31
CA GLY A 182 -12.82 7.73 -9.30
C GLY A 182 -12.58 8.60 -8.06
N ALA A 183 -11.75 8.11 -7.13
CA ALA A 183 -11.37 8.84 -5.93
C ALA A 183 -10.30 9.88 -6.29
N LEU A 184 -10.05 10.82 -5.36
CA LEU A 184 -9.08 11.89 -5.56
C LEU A 184 -7.74 11.45 -4.99
N PRO A 185 -6.68 11.29 -5.84
CA PRO A 185 -5.35 10.93 -5.33
C PRO A 185 -4.61 12.12 -4.78
N ILE A 186 -3.94 11.91 -3.64
CA ILE A 186 -2.85 12.77 -3.22
C ILE A 186 -1.62 11.90 -2.96
N GLY A 187 -0.56 12.14 -3.73
CA GLY A 187 0.61 11.28 -3.68
C GLY A 187 1.63 11.81 -2.68
N VAL A 188 2.46 10.91 -2.15
CA VAL A 188 3.54 11.31 -1.29
C VAL A 188 4.85 10.84 -1.91
N GLY A 189 5.81 11.76 -2.03
CA GLY A 189 7.12 11.37 -2.53
C GLY A 189 7.47 12.19 -3.73
N ARG A 190 8.23 11.59 -4.65
CA ARG A 190 8.68 12.30 -5.82
C ARG A 190 7.72 12.03 -6.96
N PRO A 191 7.46 13.05 -7.80
CA PRO A 191 6.61 12.93 -8.98
C PRO A 191 6.83 11.69 -9.85
N GLU A 192 8.10 11.36 -10.12
CA GLU A 192 8.44 10.26 -11.00
C GLU A 192 8.04 8.93 -10.36
N ASP A 193 7.82 8.91 -9.04
CA ASP A 193 7.38 7.69 -8.37
C ASP A 193 5.86 7.64 -8.24
N LEU A 194 5.15 8.66 -8.74
CA LEU A 194 3.73 8.84 -8.42
C LEU A 194 2.87 8.94 -9.68
N GLY A 195 3.10 9.95 -10.51
CA GLY A 195 2.30 10.21 -11.69
C GLY A 195 2.03 11.70 -11.93
N ASP A 196 1.01 12.01 -12.73
CA ASP A 196 0.77 13.36 -13.23
C ASP A 196 -0.64 13.82 -12.95
N ASP A 197 -0.81 15.15 -12.98
CA ASP A 197 -2.13 15.77 -12.83
CA ASP A 197 -2.09 15.83 -12.80
C ASP A 197 -2.68 15.49 -11.43
N ILE A 198 -1.79 15.29 -10.47
CA ILE A 198 -2.22 15.08 -9.09
C ILE A 198 -1.51 16.05 -8.15
N VAL A 199 -2.08 16.24 -6.97
CA VAL A 199 -1.37 16.87 -5.88
C VAL A 199 -0.39 15.88 -5.25
N ILE A 200 0.82 16.37 -4.99
CA ILE A 200 1.92 15.62 -4.41
C ILE A 200 2.50 16.40 -3.22
N VAL A 201 2.74 15.65 -2.13
CA VAL A 201 3.47 16.15 -0.98
C VAL A 201 4.76 15.38 -0.84
N PRO A 202 5.83 16.03 -0.32
CA PRO A 202 7.16 15.44 -0.30
C PRO A 202 7.27 14.35 0.76
N ASP A 203 6.44 14.45 1.83
CA ASP A 203 6.50 13.48 2.92
C ASP A 203 5.19 13.55 3.69
N THR A 204 4.93 12.55 4.55
CA THR A 204 3.61 12.41 5.13
C THR A 204 3.32 13.45 6.20
N SER A 205 4.31 14.22 6.67
CA SER A 205 4.04 15.29 7.63
C SER A 205 3.14 16.36 7.01
N HIS A 206 3.11 16.41 5.66
CA HIS A 206 2.26 17.31 4.91
C HIS A 206 0.82 16.81 4.78
N TYR A 207 0.54 15.54 5.08
CA TYR A 207 -0.84 15.06 5.02
C TYR A 207 -1.55 15.46 6.33
N THR A 208 -2.09 16.66 6.33
CA THR A 208 -2.94 17.13 7.41
C THR A 208 -4.37 17.18 6.93
N LEU A 209 -5.29 17.17 7.89
CA LEU A 209 -6.68 17.38 7.53
C LEU A 209 -6.90 18.73 6.85
N GLU A 210 -6.23 19.81 7.31
CA GLU A 210 -6.39 21.11 6.70
C GLU A 210 -6.03 21.00 5.21
N PHE A 211 -4.89 20.36 4.93
CA PHE A 211 -4.43 20.30 3.56
C PHE A 211 -5.38 19.48 2.71
N LEU A 212 -5.82 18.33 3.26
CA LEU A 212 -6.71 17.47 2.52
C LEU A 212 -7.99 18.22 2.16
N LYS A 213 -8.56 18.97 3.11
CA LYS A 213 -9.76 19.75 2.82
C LYS A 213 -9.51 20.82 1.73
N GLU A 214 -8.37 21.50 1.78
CA GLU A 214 -8.07 22.54 0.80
C GLU A 214 -7.95 21.92 -0.58
N VAL A 215 -7.31 20.76 -0.67
CA VAL A 215 -7.12 20.10 -1.96
C VAL A 215 -8.49 19.64 -2.45
N TRP A 216 -9.33 19.15 -1.53
CA TRP A 216 -10.65 18.71 -1.90
C TRP A 216 -11.38 19.84 -2.64
N LEU A 217 -11.46 21.00 -1.99
CA LEU A 217 -12.19 22.15 -2.50
C LEU A 217 -11.57 22.63 -3.81
N GLN A 218 -10.26 22.54 -3.96
CA GLN A 218 -9.61 22.92 -5.20
C GLN A 218 -10.02 22.03 -6.35
N LYS A 219 -10.35 20.77 -6.07
CA LYS A 219 -10.60 19.77 -7.11
C LYS A 219 -12.09 19.53 -7.42
N GLN A 220 -12.96 20.29 -6.74
CA GLN A 220 -14.40 20.20 -6.96
C GLN A 220 -14.73 21.16 -8.08
N LYS A 221 -15.76 20.80 -8.87
CA LYS A 221 -16.27 21.57 -9.98
C LYS A 221 -17.80 21.68 -9.88
P1 FBP B . 2.12 -9.41 1.02
O1P FBP B . 3.18 -10.26 0.35
O2P FBP B . 0.76 -10.00 0.86
O3P FBP B . 2.45 -8.97 2.43
O1 FBP B . 2.10 -8.03 0.18
C1 FBP B . 1.87 -8.05 -1.25
C2 FBP B . 2.40 -6.77 -1.89
O2 FBP B . 1.96 -6.67 -3.24
C3 FBP B . 3.91 -6.71 -1.93
O3 FBP B . 4.40 -7.48 -3.02
C4 FBP B . 4.14 -5.21 -2.02
O4 FBP B . 5.44 -4.81 -1.62
C5 FBP B . 3.13 -4.71 -0.99
O5 FBP B . 2.02 -5.64 -1.11
C6 FBP B . 2.64 -3.28 -1.16
O6 FBP B . 1.89 -2.89 0.02
P2 FBP B . 0.95 -1.57 -0.14
O4P FBP B . -0.16 -1.85 -1.10
O5P FBP B . 1.92 -0.50 -0.68
O6P FBP B . 0.46 -1.33 1.33
MG MG C . 2.86 1.44 -1.60
C1 EDO D . 12.17 -24.78 -7.31
O1 EDO D . 13.46 -24.69 -7.94
C2 EDO D . 12.13 -24.82 -5.80
O2 EDO D . 10.87 -25.24 -5.27
C1 EDO E . -16.90 -3.94 7.09
O1 EDO E . -16.55 -4.31 8.41
C2 EDO E . -16.91 -5.11 6.17
O2 EDO E . -16.58 -4.77 4.85
C1 EDO F . 21.87 -4.97 -1.00
O1 EDO F . 21.54 -5.93 -0.01
C2 EDO F . 21.90 -5.50 -2.41
O2 EDO F . 21.86 -4.43 -3.37
#